data_8JT5
#
_entry.id   8JT5
#
_cell.length_a   1.00
_cell.length_b   1.00
_cell.length_c   1.00
_cell.angle_alpha   90.00
_cell.angle_beta   90.00
_cell.angle_gamma   90.00
#
_symmetry.space_group_name_H-M   'P 1'
#
loop_
_entity.id
_entity.type
_entity.pdbx_description
1 polymer 'Synaptic vesicular amine transporter'
2 non-polymer HISTAMINE
#
_entity_poly.entity_id   1
_entity_poly.type   'polypeptide(L)'
_entity_poly.pdbx_seq_one_letter_code
;SRKLILFIVFLALLLDNMLLTVVVPIIPSYLYSIKHEKNATEIQTARPVHTASISDSFQSIFSYYDNSTMVTGNATRDLT
LHQTATQHMVTNASAVPSDCPSEDKDLLNENVQVGLLFASKATVQLITNPFIGLLTNRIGYPIPIFAGFCIMFVSTIMFA
FSSSYAFLLIARSLQGIGSSCSSVAGMGMLASVYTDDEERGNVMGIALGGLAMGVLVGPPFGSVLYEFVGKTAPFLVLAA
LVLLDGAIQLFVLQPSRVQPESQKGTPLTTLLKDPYILIAAGSICFANMGIAMLEPALPIWMMETMCSRKWQLGVAFLPA
SISYLIGTNIFGILAHKMGRWLCALLGMIIVGVSILCIPFAKNIYGLIAPNFGVGFAIGMVDSSMMPIMGYLVDLRHVSV
YGSVYAIADVAFCMGYAIGPSAGGAIAKAIGFPWLMTIIGIIDILFAPLCFFLRSPP
;
_entity_poly.pdbx_strand_id   A
#
loop_
_chem_comp.id
_chem_comp.type
_chem_comp.name
_chem_comp.formula
HSM non-polymer HISTAMINE 'C5 H9 N3'
#
# COMPACT_ATOMS: atom_id res chain seq x y z
N SER A 1 27.95 -1.98 0.53
CA SER A 1 26.91 -2.26 -0.46
C SER A 1 25.58 -2.47 0.27
N ARG A 2 24.88 -1.36 0.55
CA ARG A 2 23.54 -1.44 1.22
C ARG A 2 22.45 -1.47 0.14
N LYS A 3 22.84 -1.51 -1.13
CA LYS A 3 21.87 -1.60 -2.26
C LYS A 3 21.10 -2.92 -2.15
N LEU A 4 21.76 -3.98 -1.70
CA LEU A 4 21.11 -5.32 -1.57
C LEU A 4 19.94 -5.24 -0.58
N ILE A 5 20.08 -4.47 0.51
CA ILE A 5 18.94 -4.27 1.46
C ILE A 5 17.78 -3.59 0.73
N LEU A 6 18.06 -2.59 -0.12
CA LEU A 6 17.01 -1.92 -0.93
C LEU A 6 16.35 -2.96 -1.83
N PHE A 7 17.15 -3.83 -2.46
CA PHE A 7 16.60 -4.85 -3.39
C PHE A 7 15.68 -5.79 -2.60
N ILE A 8 16.07 -6.16 -1.38
CA ILE A 8 15.25 -7.11 -0.57
C ILE A 8 13.89 -6.46 -0.26
N VAL A 9 13.88 -5.19 0.15
CA VAL A 9 12.60 -4.46 0.44
C VAL A 9 11.80 -4.27 -0.86
N PHE A 10 12.48 -3.98 -1.97
CA PHE A 10 11.81 -3.84 -3.28
C PHE A 10 11.17 -5.18 -3.67
N LEU A 11 11.94 -6.28 -3.61
CA LEU A 11 11.39 -7.59 -3.98
C LEU A 11 10.26 -7.98 -3.05
N ALA A 12 10.42 -7.74 -1.74
CA ALA A 12 9.37 -8.10 -0.80
C ALA A 12 8.08 -7.37 -1.11
N LEU A 13 8.16 -6.05 -1.27
CA LEU A 13 6.97 -5.25 -1.55
C LEU A 13 6.36 -5.64 -2.90
N LEU A 14 7.21 -5.87 -3.91
CA LEU A 14 6.72 -6.24 -5.23
C LEU A 14 5.98 -7.57 -5.20
N LEU A 15 6.57 -8.59 -4.56
CA LEU A 15 5.93 -9.89 -4.49
C LEU A 15 4.65 -9.84 -3.67
N ASP A 16 4.66 -9.06 -2.58
CA ASP A 16 3.46 -8.89 -1.78
C ASP A 16 2.33 -8.32 -2.65
N ASN A 17 2.62 -7.28 -3.42
CA ASN A 17 1.59 -6.68 -4.26
C ASN A 17 1.18 -7.59 -5.41
N MET A 18 2.12 -8.36 -5.97
CA MET A 18 1.75 -9.36 -6.97
C MET A 18 0.75 -10.35 -6.40
N LEU A 19 1.00 -10.87 -5.20
CA LEU A 19 0.07 -11.82 -4.61
C LEU A 19 -1.29 -11.14 -4.34
N LEU A 20 -1.26 -9.92 -3.81
CA LEU A 20 -2.47 -9.20 -3.49
C LEU A 20 -3.33 -8.95 -4.71
N THR A 21 -2.69 -8.72 -5.86
CA THR A 21 -3.45 -8.38 -7.09
C THR A 21 -3.82 -9.65 -7.88
N VAL A 22 -2.98 -10.69 -7.84
CA VAL A 22 -3.34 -11.97 -8.51
C VAL A 22 -4.56 -12.55 -7.79
N VAL A 23 -4.61 -12.43 -6.47
CA VAL A 23 -5.72 -13.01 -5.65
C VAL A 23 -7.06 -12.36 -5.99
N VAL A 24 -7.10 -11.05 -6.26
CA VAL A 24 -8.41 -10.36 -6.43
C VAL A 24 -9.26 -10.95 -7.58
N PRO A 25 -8.76 -11.21 -8.81
CA PRO A 25 -9.58 -11.89 -9.83
C PRO A 25 -9.92 -13.36 -9.58
N ILE A 26 -8.94 -14.17 -9.14
CA ILE A 26 -9.15 -15.64 -8.98
C ILE A 26 -10.13 -16.02 -7.86
N ILE A 27 -10.05 -15.38 -6.69
CA ILE A 27 -10.88 -15.84 -5.54
C ILE A 27 -12.40 -15.73 -5.75
N PRO A 28 -13.00 -14.64 -6.29
CA PRO A 28 -14.46 -14.57 -6.41
C PRO A 28 -14.97 -15.65 -7.36
N SER A 29 -14.28 -15.85 -8.50
CA SER A 29 -14.76 -16.82 -9.51
C SER A 29 -14.75 -18.24 -8.93
N TYR A 30 -13.69 -18.60 -8.20
CA TYR A 30 -13.59 -19.96 -7.63
C TYR A 30 -14.71 -20.18 -6.61
N LEU A 31 -14.97 -19.16 -5.77
CA LEU A 31 -16.07 -19.26 -4.77
C LEU A 31 -17.43 -19.33 -5.48
N TYR A 32 -17.62 -18.56 -6.55
CA TYR A 32 -18.93 -18.51 -7.25
C TYR A 32 -19.20 -19.83 -7.98
N SER A 33 -18.51 -20.91 -7.58
CA SER A 33 -18.73 -22.21 -8.19
C SER A 33 -18.85 -23.31 -7.13
N ILE A 34 -17.99 -23.26 -6.11
CA ILE A 34 -18.06 -24.25 -5.04
C ILE A 34 -19.33 -24.07 -4.22
N LYS A 35 -19.75 -22.82 -4.01
CA LYS A 35 -21.01 -22.58 -3.30
C LYS A 35 -22.19 -23.17 -4.05
N HIS A 36 -22.22 -22.99 -5.38
CA HIS A 36 -23.28 -23.59 -6.18
C HIS A 36 -23.19 -25.11 -6.15
N GLU A 37 -21.97 -25.65 -6.23
CA GLU A 37 -21.77 -27.10 -6.22
C GLU A 37 -21.52 -27.61 -4.80
N ASN A 111 -21.63 -11.14 -0.22
CA ASN A 111 -21.79 -9.75 0.16
C ASN A 111 -21.12 -9.47 1.50
N VAL A 112 -21.43 -10.29 2.50
CA VAL A 112 -20.83 -10.13 3.82
C VAL A 112 -19.52 -10.91 3.91
N GLN A 113 -19.57 -12.20 3.58
CA GLN A 113 -18.38 -13.04 3.69
C GLN A 113 -17.33 -12.67 2.64
N VAL A 114 -17.77 -12.31 1.44
CA VAL A 114 -16.81 -11.91 0.40
C VAL A 114 -16.08 -10.63 0.80
N GLY A 115 -16.83 -9.63 1.31
CA GLY A 115 -16.19 -8.43 1.78
C GLY A 115 -15.29 -8.68 2.98
N LEU A 116 -15.70 -9.60 3.86
CA LEU A 116 -14.87 -9.97 4.99
C LEU A 116 -13.55 -10.59 4.52
N LEU A 117 -13.62 -11.47 3.52
CA LEU A 117 -12.41 -12.07 2.97
C LEU A 117 -11.52 -11.01 2.34
N PHE A 118 -12.12 -10.06 1.61
CA PHE A 118 -11.33 -9.01 0.99
C PHE A 118 -10.65 -8.11 2.02
N ALA A 119 -11.35 -7.77 3.09
CA ALA A 119 -10.84 -6.82 4.07
C ALA A 119 -10.06 -7.45 5.21
N SER A 120 -10.03 -8.79 5.29
CA SER A 120 -9.33 -9.45 6.38
C SER A 120 -7.83 -9.16 6.34
N LYS A 121 -7.24 -9.14 5.15
CA LYS A 121 -5.82 -8.85 5.03
C LYS A 121 -5.49 -7.48 5.61
N ALA A 122 -6.23 -6.46 5.19
CA ALA A 122 -5.98 -5.11 5.68
C ALA A 122 -6.26 -5.01 7.18
N THR A 123 -7.33 -5.64 7.64
CA THR A 123 -7.67 -5.57 9.07
C THR A 123 -6.58 -6.19 9.93
N VAL A 124 -6.12 -7.39 9.56
CA VAL A 124 -5.10 -8.06 10.36
C VAL A 124 -3.77 -7.34 10.26
N GLN A 125 -3.45 -6.78 9.10
CA GLN A 125 -2.22 -5.99 8.99
C GLN A 125 -2.30 -4.77 9.89
N LEU A 126 -3.45 -4.08 9.91
CA LEU A 126 -3.64 -2.94 10.79
C LEU A 126 -3.49 -3.35 12.25
N ILE A 127 -4.04 -4.52 12.61
CA ILE A 127 -3.97 -4.97 14.00
C ILE A 127 -2.53 -5.27 14.40
N THR A 128 -1.77 -5.94 13.55
CA THR A 128 -0.43 -6.39 13.92
C THR A 128 0.69 -5.43 13.55
N ASN A 129 0.38 -4.26 12.97
CA ASN A 129 1.44 -3.28 12.73
C ASN A 129 2.11 -2.80 14.01
N PRO A 130 1.39 -2.36 15.05
CA PRO A 130 2.09 -1.90 16.26
C PRO A 130 2.93 -2.97 16.93
N PHE A 131 2.47 -4.22 16.92
CA PHE A 131 3.25 -5.29 17.55
C PHE A 131 4.56 -5.52 16.81
N ILE A 132 4.54 -5.47 15.48
CA ILE A 132 5.78 -5.59 14.72
C ILE A 132 6.67 -4.38 14.96
N GLY A 133 6.07 -3.19 15.08
CA GLY A 133 6.86 -2.00 15.39
C GLY A 133 7.59 -2.13 16.71
N LEU A 134 6.93 -2.69 17.73
CA LEU A 134 7.60 -2.91 19.00
C LEU A 134 8.63 -4.04 18.90
N LEU A 135 8.32 -5.09 18.14
CA LEU A 135 9.21 -6.25 18.05
C LEU A 135 10.51 -5.90 17.36
N THR A 136 10.47 -5.02 16.35
CA THR A 136 11.68 -4.66 15.64
C THR A 136 12.68 -3.96 16.55
N ASN A 137 12.20 -3.27 17.60
CA ASN A 137 13.09 -2.64 18.54
C ASN A 137 13.77 -3.66 19.45
N ARG A 138 13.09 -4.78 19.74
CA ARG A 138 13.61 -5.77 20.65
C ARG A 138 14.55 -6.77 19.97
N ILE A 139 14.22 -7.20 18.75
CA ILE A 139 14.97 -8.27 18.10
C ILE A 139 15.56 -7.84 16.76
N GLY A 140 15.59 -6.55 16.47
CA GLY A 140 16.16 -6.08 15.22
C GLY A 140 15.20 -6.27 14.06
N TYR A 141 15.65 -5.83 12.88
CA TYR A 141 14.90 -5.92 11.65
C TYR A 141 14.99 -7.26 10.90
N PRO A 142 16.19 -7.85 10.77
CA PRO A 142 16.30 -9.04 9.90
C PRO A 142 15.39 -10.20 10.28
N ILE A 143 15.20 -10.46 11.57
CA ILE A 143 14.35 -11.58 11.99
C ILE A 143 12.90 -11.30 11.61
N PRO A 144 12.34 -10.10 11.87
CA PRO A 144 11.00 -9.82 11.33
C PRO A 144 10.92 -9.91 9.82
N ILE A 145 11.95 -9.48 9.08
CA ILE A 145 11.88 -9.56 7.62
C ILE A 145 11.82 -11.01 7.17
N PHE A 146 12.66 -11.87 7.75
CA PHE A 146 12.67 -13.27 7.36
C PHE A 146 11.38 -13.96 7.79
N ALA A 147 10.83 -13.58 8.95
CA ALA A 147 9.55 -14.13 9.37
C ALA A 147 8.43 -13.72 8.42
N GLY A 148 8.46 -12.47 7.96
CA GLY A 148 7.50 -12.04 6.95
C GLY A 148 7.63 -12.85 5.67
N PHE A 149 8.86 -13.13 5.26
CA PHE A 149 9.06 -14.06 4.14
C PHE A 149 8.42 -15.42 4.39
N CYS A 150 8.67 -16.01 5.55
CA CYS A 150 8.18 -17.37 5.79
C CYS A 150 6.65 -17.38 5.78
N ILE A 151 6.05 -16.38 6.42
CA ILE A 151 4.59 -16.29 6.46
C ILE A 151 4.03 -16.06 5.07
N MET A 152 4.68 -15.22 4.26
CA MET A 152 4.24 -15.00 2.89
C MET A 152 4.31 -16.26 2.06
N PHE A 153 5.38 -17.04 2.23
CA PHE A 153 5.51 -18.29 1.48
C PHE A 153 4.42 -19.29 1.87
N VAL A 154 4.15 -19.41 3.18
CA VAL A 154 3.07 -20.30 3.61
C VAL A 154 1.73 -19.83 3.08
N SER A 155 1.49 -18.52 3.08
CA SER A 155 0.23 -18.00 2.55
C SER A 155 0.09 -18.27 1.07
N THR A 156 1.18 -18.10 0.32
CA THR A 156 1.15 -18.39 -1.12
C THR A 156 0.86 -19.87 -1.38
N ILE A 157 1.48 -20.76 -0.61
CA ILE A 157 1.22 -22.18 -0.80
C ILE A 157 -0.22 -22.51 -0.45
N MET A 158 -0.75 -21.91 0.62
CA MET A 158 -2.15 -22.15 0.98
C MET A 158 -3.10 -21.65 -0.10
N PHE A 159 -2.81 -20.47 -0.66
CA PHE A 159 -3.58 -19.99 -1.80
C PHE A 159 -3.52 -20.97 -2.96
N ALA A 160 -2.35 -21.57 -3.17
CA ALA A 160 -2.20 -22.50 -4.28
C ALA A 160 -3.04 -23.75 -4.09
N PHE A 161 -3.04 -24.33 -2.88
CA PHE A 161 -3.61 -25.66 -2.70
C PHE A 161 -4.89 -25.71 -1.88
N SER A 162 -5.30 -24.63 -1.23
CA SER A 162 -6.54 -24.63 -0.45
C SER A 162 -7.69 -24.11 -1.30
N SER A 163 -8.85 -24.77 -1.19
CA SER A 163 -10.02 -24.41 -1.97
C SER A 163 -11.26 -24.23 -1.09
N SER A 164 -11.08 -24.04 0.21
CA SER A 164 -12.17 -23.79 1.12
C SER A 164 -12.16 -22.33 1.55
N TYR A 165 -13.36 -21.83 1.90
CA TYR A 165 -13.46 -20.43 2.27
C TYR A 165 -12.74 -20.14 3.58
N ALA A 166 -12.84 -21.04 4.56
CA ALA A 166 -12.15 -20.84 5.83
C ALA A 166 -10.64 -20.84 5.63
N PHE A 167 -10.12 -21.78 4.84
CA PHE A 167 -8.69 -21.79 4.56
C PHE A 167 -8.28 -20.58 3.74
N LEU A 168 -9.16 -20.10 2.87
CA LEU A 168 -8.88 -18.85 2.15
C LEU A 168 -8.76 -17.69 3.11
N LEU A 169 -9.64 -17.62 4.11
CA LEU A 169 -9.56 -16.58 5.12
C LEU A 169 -8.27 -16.68 5.92
N ILE A 170 -7.87 -17.90 6.28
CA ILE A 170 -6.63 -18.09 7.02
C ILE A 170 -5.43 -17.63 6.19
N ALA A 171 -5.43 -17.99 4.91
CA ALA A 171 -4.34 -17.56 4.03
C ALA A 171 -4.31 -16.05 3.88
N ARG A 172 -5.48 -15.41 3.79
CA ARG A 172 -5.52 -13.96 3.71
C ARG A 172 -5.00 -13.32 4.99
N SER A 173 -5.37 -13.86 6.15
CA SER A 173 -4.90 -13.31 7.42
C SER A 173 -3.39 -13.44 7.54
N LEU A 174 -2.84 -14.60 7.16
CA LEU A 174 -1.38 -14.75 7.19
C LEU A 174 -0.71 -13.84 6.17
N GLN A 175 -1.33 -13.64 5.01
CA GLN A 175 -0.78 -12.68 4.06
C GLN A 175 -0.73 -11.29 4.67
N GLY A 176 -1.77 -10.92 5.42
CA GLY A 176 -1.75 -9.63 6.09
C GLY A 176 -0.65 -9.53 7.14
N ILE A 177 -0.45 -10.60 7.91
CA ILE A 177 0.61 -10.60 8.93
C ILE A 177 1.98 -10.45 8.27
N GLY A 178 2.21 -11.23 7.22
CA GLY A 178 3.48 -11.12 6.51
C GLY A 178 3.66 -9.79 5.83
N SER A 179 2.58 -9.20 5.34
CA SER A 179 2.63 -7.87 4.76
C SER A 179 3.02 -6.83 5.81
N SER A 180 2.46 -6.94 7.01
CA SER A 180 2.82 -6.04 8.09
C SER A 180 4.29 -6.17 8.43
N CYS A 181 4.76 -7.42 8.61
CA CYS A 181 6.18 -7.64 8.91
C CYS A 181 7.06 -7.04 7.83
N SER A 182 6.81 -7.40 6.57
CA SER A 182 7.64 -6.92 5.47
C SER A 182 7.64 -5.40 5.40
N SER A 183 6.46 -4.79 5.37
CA SER A 183 6.39 -3.34 5.20
C SER A 183 7.07 -2.60 6.35
N VAL A 184 6.69 -2.92 7.59
CA VAL A 184 7.21 -2.17 8.73
C VAL A 184 8.71 -2.40 8.88
N ALA A 185 9.14 -3.66 8.87
CA ALA A 185 10.55 -3.95 9.08
C ALA A 185 11.41 -3.43 7.94
N GLY A 186 10.95 -3.56 6.68
CA GLY A 186 11.72 -3.05 5.57
C GLY A 186 11.83 -1.54 5.56
N MET A 187 10.73 -0.85 5.84
CA MET A 187 10.79 0.60 5.91
C MET A 187 11.69 1.06 7.06
N GLY A 188 11.60 0.40 8.22
CA GLY A 188 12.49 0.75 9.31
C GLY A 188 13.95 0.51 8.98
N MET A 189 14.25 -0.61 8.33
CA MET A 189 15.63 -0.90 7.97
C MET A 189 16.14 0.07 6.92
N LEU A 190 15.31 0.42 5.95
CA LEU A 190 15.71 1.40 4.94
C LEU A 190 15.97 2.75 5.58
N ALA A 191 15.14 3.14 6.56
CA ALA A 191 15.36 4.39 7.27
C ALA A 191 16.65 4.34 8.10
N SER A 192 16.95 3.20 8.71
CA SER A 192 18.12 3.12 9.58
C SER A 192 19.42 3.04 8.80
N VAL A 193 19.43 2.35 7.65
CA VAL A 193 20.67 2.25 6.89
C VAL A 193 20.89 3.49 6.02
N TYR A 194 19.81 4.13 5.58
CA TYR A 194 19.91 5.39 4.82
C TYR A 194 19.56 6.54 5.77
N THR A 195 20.55 6.93 6.59
CA THR A 195 20.32 7.95 7.59
C THR A 195 20.24 9.35 7.00
N ASP A 196 20.80 9.57 5.81
CA ASP A 196 20.74 10.89 5.18
C ASP A 196 19.31 11.20 4.77
N ASP A 197 18.95 12.48 4.90
CA ASP A 197 17.59 12.90 4.58
C ASP A 197 17.29 12.73 3.08
N GLU A 198 18.23 13.13 2.23
CA GLU A 198 17.99 13.07 0.79
C GLU A 198 17.97 11.61 0.29
N GLU A 199 18.97 10.83 0.70
CA GLU A 199 19.03 9.44 0.25
C GLU A 199 17.87 8.61 0.79
N ARG A 200 17.36 8.96 1.98
CA ARG A 200 16.21 8.26 2.52
C ARG A 200 15.01 8.38 1.58
N GLY A 201 14.69 9.61 1.17
CA GLY A 201 13.61 9.80 0.23
C GLY A 201 13.90 9.18 -1.13
N ASN A 202 15.16 9.28 -1.57
CA ASN A 202 15.53 8.74 -2.88
C ASN A 202 15.31 7.24 -2.94
N VAL A 203 15.66 6.51 -1.87
CA VAL A 203 15.48 5.07 -1.88
C VAL A 203 14.06 4.67 -1.50
N MET A 204 13.36 5.48 -0.71
CA MET A 204 11.98 5.17 -0.39
C MET A 204 11.08 5.37 -1.59
N GLY A 205 11.45 6.26 -2.51
CA GLY A 205 10.76 6.31 -3.78
C GLY A 205 10.83 5.00 -4.54
N ILE A 206 12.02 4.40 -4.59
CA ILE A 206 12.19 3.11 -5.25
C ILE A 206 11.40 2.02 -4.53
N ALA A 207 11.47 2.01 -3.20
CA ALA A 207 10.74 1.00 -2.42
C ALA A 207 9.24 1.12 -2.65
N LEU A 208 8.72 2.35 -2.67
CA LEU A 208 7.29 2.55 -2.92
C LEU A 208 6.92 2.22 -4.35
N GLY A 209 7.80 2.50 -5.32
CA GLY A 209 7.57 2.07 -6.68
C GLY A 209 7.57 0.57 -6.84
N GLY A 210 8.17 -0.15 -5.88
CA GLY A 210 8.03 -1.60 -5.86
C GLY A 210 6.59 -2.05 -5.79
N LEU A 211 5.80 -1.42 -4.92
CA LEU A 211 4.38 -1.75 -4.84
C LEU A 211 3.66 -1.41 -6.14
N ALA A 212 4.01 -0.27 -6.75
CA ALA A 212 3.38 0.11 -8.01
C ALA A 212 3.69 -0.90 -9.11
N MET A 213 4.94 -1.35 -9.19
CA MET A 213 5.29 -2.38 -10.18
C MET A 213 4.54 -3.67 -9.91
N GLY A 214 4.42 -4.05 -8.63
CA GLY A 214 3.67 -5.26 -8.31
C GLY A 214 2.21 -5.14 -8.73
N VAL A 215 1.59 -4.00 -8.43
CA VAL A 215 0.19 -3.80 -8.79
C VAL A 215 0.03 -3.82 -10.32
N LEU A 216 0.98 -3.22 -11.04
CA LEU A 216 0.87 -3.19 -12.50
C LEU A 216 1.01 -4.59 -13.09
N VAL A 217 2.01 -5.34 -12.66
CA VAL A 217 2.32 -6.61 -13.31
C VAL A 217 1.68 -7.81 -12.62
N GLY A 218 0.82 -7.60 -11.63
CA GLY A 218 0.11 -8.70 -11.00
C GLY A 218 -1.02 -9.28 -11.82
N PRO A 219 -2.03 -8.47 -12.14
CA PRO A 219 -3.24 -8.99 -12.80
C PRO A 219 -2.94 -9.64 -14.15
N PRO A 220 -2.16 -9.01 -15.05
CA PRO A 220 -1.88 -9.70 -16.32
C PRO A 220 -1.14 -11.01 -16.14
N PHE A 221 -0.18 -11.04 -15.22
CA PHE A 221 0.57 -12.25 -14.92
C PHE A 221 -0.37 -13.36 -14.45
N GLY A 222 -1.22 -13.05 -13.48
CA GLY A 222 -2.17 -14.04 -12.99
C GLY A 222 -3.11 -14.51 -14.07
N SER A 223 -3.58 -13.58 -14.91
CA SER A 223 -4.52 -13.95 -15.96
C SER A 223 -3.89 -14.88 -17.00
N VAL A 224 -2.67 -14.57 -17.45
CA VAL A 224 -2.04 -15.41 -18.46
C VAL A 224 -1.73 -16.79 -17.88
N LEU A 225 -1.19 -16.84 -16.65
CA LEU A 225 -0.88 -18.15 -16.08
C LEU A 225 -2.12 -18.94 -15.71
N TYR A 226 -3.25 -18.27 -15.47
CA TYR A 226 -4.48 -18.99 -15.23
C TYR A 226 -5.06 -19.53 -16.54
N GLU A 227 -4.97 -18.76 -17.62
CA GLU A 227 -5.56 -19.18 -18.88
C GLU A 227 -4.75 -20.31 -19.53
N PHE A 228 -3.42 -20.20 -19.51
CA PHE A 228 -2.60 -21.16 -20.24
C PHE A 228 -2.30 -22.42 -19.43
N VAL A 229 -1.68 -22.26 -18.26
CA VAL A 229 -1.22 -23.43 -17.51
C VAL A 229 -2.32 -23.96 -16.61
N GLY A 230 -2.77 -23.16 -15.65
CA GLY A 230 -3.80 -23.62 -14.75
C GLY A 230 -3.97 -22.66 -13.59
N LYS A 231 -4.83 -23.06 -12.65
CA LYS A 231 -5.15 -22.21 -11.51
C LYS A 231 -3.95 -22.08 -10.56
N THR A 232 -3.28 -23.19 -10.27
CA THR A 232 -2.20 -23.17 -9.28
C THR A 232 -0.87 -22.68 -9.85
N ALA A 233 -0.77 -22.50 -11.16
CA ALA A 233 0.49 -22.08 -11.76
C ALA A 233 0.94 -20.69 -11.32
N PRO A 234 0.09 -19.65 -11.33
CA PRO A 234 0.57 -18.33 -10.85
C PRO A 234 1.04 -18.37 -9.42
N PHE A 235 0.34 -19.12 -8.56
CA PHE A 235 0.73 -19.19 -7.16
C PHE A 235 2.02 -19.97 -6.99
N LEU A 236 2.22 -21.04 -7.77
CA LEU A 236 3.47 -21.77 -7.69
C LEU A 236 4.65 -20.93 -8.17
N VAL A 237 4.45 -20.16 -9.25
CA VAL A 237 5.53 -19.31 -9.75
C VAL A 237 5.83 -18.20 -8.74
N LEU A 238 4.79 -17.64 -8.13
CA LEU A 238 5.00 -16.65 -7.07
C LEU A 238 5.76 -17.27 -5.90
N ALA A 239 5.45 -18.52 -5.57
CA ALA A 239 6.15 -19.20 -4.48
C ALA A 239 7.63 -19.42 -4.83
N ALA A 240 7.92 -19.75 -6.09
CA ALA A 240 9.31 -19.90 -6.50
C ALA A 240 10.06 -18.57 -6.42
N LEU A 241 9.42 -17.48 -6.87
CA LEU A 241 10.05 -16.17 -6.76
C LEU A 241 10.25 -15.77 -5.31
N VAL A 242 9.30 -16.12 -4.45
CA VAL A 242 9.43 -15.85 -3.02
C VAL A 242 10.58 -16.68 -2.44
N LEU A 243 10.74 -17.92 -2.88
CA LEU A 243 11.84 -18.75 -2.41
C LEU A 243 13.19 -18.15 -2.82
N LEU A 244 13.28 -17.63 -4.05
CA LEU A 244 14.50 -16.97 -4.47
C LEU A 244 14.77 -15.72 -3.63
N ASP A 245 13.71 -14.96 -3.35
CA ASP A 245 13.84 -13.80 -2.46
C ASP A 245 14.34 -14.23 -1.08
N GLY A 246 13.85 -15.35 -0.58
CA GLY A 246 14.32 -15.85 0.71
C GLY A 246 15.76 -16.31 0.67
N ALA A 247 16.17 -16.92 -0.43
CA ALA A 247 17.57 -17.32 -0.56
C ALA A 247 18.50 -16.10 -0.53
N ILE A 248 18.15 -15.06 -1.28
CA ILE A 248 18.99 -13.86 -1.25
C ILE A 248 18.90 -13.17 0.11
N GLN A 249 17.74 -13.22 0.76
CA GLN A 249 17.62 -12.67 2.11
C GLN A 249 18.53 -13.39 3.09
N LEU A 250 18.54 -14.72 3.03
CA LEU A 250 19.43 -15.50 3.89
C LEU A 250 20.89 -15.18 3.58
N PHE A 251 21.21 -14.93 2.31
CA PHE A 251 22.58 -14.61 1.95
C PHE A 251 23.01 -13.24 2.47
N VAL A 252 22.14 -12.23 2.39
CA VAL A 252 22.54 -10.86 2.72
C VAL A 252 22.14 -10.48 4.14
N LEU A 253 20.95 -10.86 4.59
CA LEU A 253 20.52 -10.47 5.94
C LEU A 253 21.14 -11.37 6.99
N GLN A 254 21.16 -12.68 6.74
CA GLN A 254 21.69 -13.68 7.65
C GLN A 254 21.07 -13.54 9.03
N PRO A 255 19.79 -13.86 9.20
CA PRO A 255 19.19 -13.78 10.55
C PRO A 255 19.61 -14.94 11.43
N SER A 256 20.91 -15.03 11.72
CA SER A 256 21.41 -16.13 12.51
C SER A 256 21.05 -15.98 13.98
N ARG A 257 21.14 -14.75 14.51
CA ARG A 257 20.91 -14.51 15.93
C ARG A 257 20.02 -13.28 16.08
N VAL A 258 19.38 -13.20 17.25
CA VAL A 258 18.54 -12.05 17.61
C VAL A 258 19.43 -10.99 18.23
N GLN A 259 19.37 -9.78 17.66
CA GLN A 259 20.13 -8.67 18.20
C GLN A 259 19.20 -7.52 18.55
N PRO A 260 19.39 -6.88 19.70
CA PRO A 260 18.56 -5.73 20.06
C PRO A 260 19.16 -4.42 19.60
N GLU A 261 18.28 -3.45 19.38
CA GLU A 261 18.76 -2.10 19.09
C GLU A 261 19.24 -1.44 20.38
N SER A 262 19.94 -0.32 20.21
CA SER A 262 20.62 0.29 21.34
C SER A 262 19.65 0.86 22.35
N GLN A 263 18.79 1.79 21.92
CA GLN A 263 17.97 2.60 22.82
C GLN A 263 16.50 2.18 22.73
N LYS A 264 15.68 2.89 23.49
CA LYS A 264 14.24 2.67 23.51
C LYS A 264 13.61 3.24 22.23
N GLY A 265 12.28 3.18 22.16
CA GLY A 265 11.61 3.50 20.92
C GLY A 265 10.56 4.59 20.96
N THR A 266 10.56 5.43 22.01
CA THR A 266 9.61 6.54 22.10
C THR A 266 8.19 5.97 22.03
N PRO A 267 7.69 5.38 23.11
CA PRO A 267 6.48 4.55 23.04
C PRO A 267 5.34 5.19 22.25
N LEU A 268 4.53 4.33 21.64
CA LEU A 268 3.51 4.78 20.69
C LEU A 268 2.59 5.83 21.29
N THR A 269 2.38 5.78 22.60
CA THR A 269 1.56 6.79 23.25
C THR A 269 2.14 8.18 23.06
N THR A 270 3.45 8.31 23.11
CA THR A 270 4.09 9.61 22.88
C THR A 270 4.12 9.99 21.41
N LEU A 271 4.28 9.00 20.51
CA LEU A 271 4.34 9.31 19.09
C LEU A 271 2.99 9.78 18.57
N LEU A 272 1.90 9.14 19.00
CA LEU A 272 0.58 9.54 18.52
C LEU A 272 0.13 10.87 19.08
N LYS A 273 0.67 11.31 20.22
CA LYS A 273 0.37 12.64 20.71
C LYS A 273 1.00 13.72 19.86
N ASP A 274 1.98 13.38 19.02
CA ASP A 274 2.67 14.37 18.21
C ASP A 274 1.72 14.92 17.15
N PRO A 275 1.48 16.23 17.12
CA PRO A 275 0.60 16.78 16.07
C PRO A 275 1.15 16.62 14.67
N TYR A 276 2.47 16.70 14.47
CA TYR A 276 3.03 16.64 13.12
C TYR A 276 3.01 15.22 12.56
N ILE A 277 3.35 14.23 13.39
CA ILE A 277 3.21 12.85 12.96
C ILE A 277 1.76 12.53 12.65
N LEU A 278 0.84 13.06 13.46
CA LEU A 278 -0.58 12.87 13.19
C LEU A 278 -0.99 13.52 11.88
N ILE A 279 -0.46 14.71 11.57
CA ILE A 279 -0.81 15.39 10.32
C ILE A 279 -0.31 14.57 9.14
N ALA A 280 0.92 14.09 9.21
CA ALA A 280 1.46 13.29 8.11
C ALA A 280 0.67 12.00 7.93
N ALA A 281 0.35 11.32 9.02
CA ALA A 281 -0.42 10.09 8.95
C ALA A 281 -1.82 10.35 8.40
N GLY A 282 -2.43 11.47 8.79
CA GLY A 282 -3.76 11.79 8.28
C GLY A 282 -3.75 12.12 6.81
N SER A 283 -2.72 12.85 6.35
CA SER A 283 -2.61 13.13 4.92
C SER A 283 -2.44 11.85 4.13
N ILE A 284 -1.57 10.95 4.58
CA ILE A 284 -1.43 9.65 3.92
C ILE A 284 -2.75 8.90 3.93
N CYS A 285 -3.43 8.89 5.07
CA CYS A 285 -4.67 8.12 5.22
C CYS A 285 -5.74 8.63 4.27
N PHE A 286 -5.90 9.95 4.18
CA PHE A 286 -6.96 10.49 3.33
C PHE A 286 -6.61 10.35 1.85
N ALA A 287 -5.35 10.59 1.49
CA ALA A 287 -4.95 10.41 0.09
C ALA A 287 -5.14 8.96 -0.36
N ASN A 288 -4.83 8.00 0.51
CA ASN A 288 -5.03 6.60 0.15
C ASN A 288 -6.49 6.18 0.23
N MET A 289 -7.25 6.75 1.16
CA MET A 289 -8.67 6.43 1.28
C MET A 289 -9.44 6.89 0.06
N GLY A 290 -9.04 8.02 -0.53
CA GLY A 290 -9.68 8.45 -1.77
C GLY A 290 -9.62 7.39 -2.85
N ILE A 291 -8.42 6.86 -3.12
CA ILE A 291 -8.28 5.84 -4.14
C ILE A 291 -8.88 4.51 -3.68
N ALA A 292 -8.85 4.22 -2.38
CA ALA A 292 -9.40 2.97 -1.90
C ALA A 292 -10.91 2.93 -2.02
N MET A 293 -11.56 4.09 -1.93
CA MET A 293 -12.98 4.18 -2.22
C MET A 293 -13.28 4.33 -3.70
N LEU A 294 -12.35 4.89 -4.47
CA LEU A 294 -12.56 5.11 -5.89
C LEU A 294 -12.46 3.81 -6.68
N GLU A 295 -11.47 2.98 -6.36
CA GLU A 295 -11.16 1.82 -7.19
C GLU A 295 -12.31 0.82 -7.29
N PRO A 296 -12.97 0.40 -6.20
CA PRO A 296 -14.08 -0.55 -6.35
C PRO A 296 -15.41 0.08 -6.69
N ALA A 297 -15.61 1.36 -6.38
CA ALA A 297 -16.89 2.01 -6.61
C ALA A 297 -16.99 2.68 -7.99
N LEU A 298 -15.91 2.73 -8.74
CA LEU A 298 -15.94 3.34 -10.07
C LEU A 298 -16.53 2.42 -11.13
N PRO A 299 -16.14 1.14 -11.20
CA PRO A 299 -16.74 0.26 -12.22
C PRO A 299 -18.24 0.12 -12.11
N ILE A 300 -18.80 0.13 -10.89
CA ILE A 300 -20.26 0.06 -10.75
C ILE A 300 -20.91 1.27 -11.40
N TRP A 301 -20.39 2.46 -11.16
CA TRP A 301 -20.94 3.66 -11.77
C TRP A 301 -20.73 3.66 -13.28
N MET A 302 -19.60 3.09 -13.75
CA MET A 302 -19.39 2.97 -15.18
C MET A 302 -20.44 2.08 -15.83
N MET A 303 -20.73 0.94 -15.21
CA MET A 303 -21.77 0.07 -15.74
C MET A 303 -23.13 0.74 -15.68
N GLU A 304 -23.37 1.52 -14.62
CA GLU A 304 -24.65 2.21 -14.48
C GLU A 304 -24.84 3.26 -15.56
N THR A 305 -23.81 4.02 -15.88
CA THR A 305 -23.93 5.18 -16.76
C THR A 305 -23.50 4.90 -18.19
N MET A 306 -22.24 4.49 -18.40
CA MET A 306 -21.67 4.37 -19.73
C MET A 306 -21.90 3.01 -20.37
N CYS A 307 -22.27 2.00 -19.58
CA CYS A 307 -22.52 0.65 -20.07
C CYS A 307 -21.31 0.12 -20.84
N SER A 308 -20.13 0.37 -20.29
CA SER A 308 -18.89 0.02 -20.97
C SER A 308 -18.64 -1.49 -20.92
N ARG A 309 -17.73 -1.93 -21.79
CA ARG A 309 -17.39 -3.33 -21.88
C ARG A 309 -16.47 -3.74 -20.72
N LYS A 310 -16.30 -5.05 -20.56
CA LYS A 310 -15.47 -5.57 -19.47
C LYS A 310 -14.03 -5.09 -19.60
N TRP A 311 -13.46 -5.17 -20.81
CA TRP A 311 -12.09 -4.72 -20.99
C TRP A 311 -11.94 -3.23 -20.76
N GLN A 312 -12.97 -2.44 -21.06
CA GLN A 312 -12.94 -1.02 -20.75
C GLN A 312 -13.00 -0.79 -19.24
N LEU A 313 -13.76 -1.63 -18.52
CA LEU A 313 -13.74 -1.55 -17.06
C LEU A 313 -12.38 -1.96 -16.50
N GLY A 314 -11.64 -2.78 -17.24
CA GLY A 314 -10.34 -3.22 -16.79
C GLY A 314 -9.23 -2.22 -17.03
N VAL A 315 -9.18 -1.63 -18.23
CA VAL A 315 -8.10 -0.70 -18.56
C VAL A 315 -8.38 0.73 -18.12
N ALA A 316 -9.48 0.96 -17.40
CA ALA A 316 -9.81 2.32 -16.99
C ALA A 316 -8.92 2.79 -15.84
N PHE A 317 -8.57 1.89 -14.93
CA PHE A 317 -7.73 2.22 -13.79
C PHE A 317 -6.25 2.03 -14.08
N LEU A 318 -5.90 1.52 -15.26
CA LEU A 318 -4.49 1.42 -15.64
C LEU A 318 -3.76 2.77 -15.64
N PRO A 319 -4.32 3.87 -16.15
CA PRO A 319 -3.60 5.15 -16.06
C PRO A 319 -3.26 5.53 -14.63
N ALA A 320 -4.14 5.20 -13.67
CA ALA A 320 -3.83 5.50 -12.29
C ALA A 320 -2.57 4.80 -11.83
N SER A 321 -2.42 3.51 -12.16
CA SER A 321 -1.24 2.77 -11.76
C SER A 321 0.01 3.27 -12.46
N ILE A 322 -0.07 3.52 -13.78
CA ILE A 322 1.11 4.01 -14.51
C ILE A 322 1.55 5.35 -13.94
N SER A 323 0.60 6.26 -13.73
CA SER A 323 0.94 7.58 -13.20
C SER A 323 1.44 7.50 -11.78
N TYR A 324 0.91 6.58 -10.96
CA TYR A 324 1.43 6.40 -9.62
C TYR A 324 2.89 5.94 -9.66
N LEU A 325 3.22 5.01 -10.55
CA LEU A 325 4.60 4.58 -10.70
C LEU A 325 5.52 5.74 -11.06
N ILE A 326 5.16 6.49 -12.10
CA ILE A 326 6.02 7.59 -12.54
C ILE A 326 6.13 8.65 -11.45
N GLY A 327 5.00 9.01 -10.84
CA GLY A 327 5.01 10.04 -9.82
C GLY A 327 5.83 9.66 -8.61
N THR A 328 5.70 8.43 -8.13
CA THR A 328 6.52 7.97 -7.02
C THR A 328 8.00 8.02 -7.37
N ASN A 329 8.36 7.43 -8.51
CA ASN A 329 9.77 7.30 -8.86
C ASN A 329 10.42 8.64 -9.20
N ILE A 330 9.65 9.65 -9.58
CA ILE A 330 10.25 10.95 -9.83
C ILE A 330 10.16 11.87 -8.62
N PHE A 331 9.11 11.76 -7.81
CA PHE A 331 8.97 12.68 -6.70
C PHE A 331 9.72 12.21 -5.46
N GLY A 332 10.15 10.95 -5.40
CA GLY A 332 11.08 10.57 -4.36
C GLY A 332 12.33 11.43 -4.36
N ILE A 333 12.74 11.91 -5.53
CA ILE A 333 13.86 12.84 -5.64
C ILE A 333 13.39 14.28 -5.72
N LEU A 334 12.29 14.55 -6.43
CA LEU A 334 11.84 15.93 -6.60
C LEU A 334 11.24 16.54 -5.34
N ALA A 335 10.93 15.75 -4.31
CA ALA A 335 10.27 16.30 -3.12
C ALA A 335 11.24 17.06 -2.23
N HIS A 336 12.53 16.71 -2.24
CA HIS A 336 13.47 17.37 -1.34
C HIS A 336 13.80 18.78 -1.82
N LYS A 337 13.98 18.97 -3.12
CA LYS A 337 14.33 20.29 -3.63
C LYS A 337 13.15 21.24 -3.65
N MET A 338 11.94 20.74 -3.93
CA MET A 338 10.75 21.58 -3.88
C MET A 338 10.32 21.85 -2.44
N GLY A 339 10.48 20.87 -1.56
CA GLY A 339 9.95 20.94 -0.23
C GLY A 339 8.90 19.86 -0.02
N ARG A 340 9.11 18.99 0.97
CA ARG A 340 8.20 17.87 1.16
C ARG A 340 6.80 18.35 1.55
N TRP A 341 6.73 19.39 2.39
CA TRP A 341 5.43 19.95 2.73
C TRP A 341 4.70 20.47 1.50
N LEU A 342 5.42 21.16 0.61
CA LEU A 342 4.81 21.68 -0.60
C LEU A 342 4.38 20.56 -1.52
N CYS A 343 5.20 19.50 -1.62
CA CYS A 343 4.83 18.37 -2.45
C CYS A 343 3.56 17.70 -1.94
N ALA A 344 3.44 17.54 -0.62
CA ALA A 344 2.22 16.94 -0.07
C ALA A 344 1.02 17.85 -0.27
N LEU A 345 1.18 19.16 -0.06
CA LEU A 345 0.09 20.10 -0.27
C LEU A 345 -0.41 20.03 -1.71
N LEU A 346 0.51 20.12 -2.68
CA LEU A 346 0.12 20.06 -4.07
C LEU A 346 -0.46 18.71 -4.45
N GLY A 347 0.06 17.63 -3.87
CA GLY A 347 -0.51 16.31 -4.14
C GLY A 347 -1.94 16.19 -3.65
N MET A 348 -2.21 16.68 -2.44
CA MET A 348 -3.59 16.66 -1.93
C MET A 348 -4.50 17.50 -2.80
N ILE A 349 -4.04 18.69 -3.20
CA ILE A 349 -4.86 19.56 -4.05
C ILE A 349 -5.16 18.87 -5.38
N ILE A 350 -4.14 18.26 -6.00
CA ILE A 350 -4.31 17.65 -7.30
C ILE A 350 -5.22 16.43 -7.23
N VAL A 351 -5.06 15.59 -6.19
CA VAL A 351 -5.91 14.42 -6.08
C VAL A 351 -7.35 14.82 -5.79
N GLY A 352 -7.55 15.87 -4.99
CA GLY A 352 -8.89 16.37 -4.76
C GLY A 352 -9.54 16.89 -6.03
N VAL A 353 -8.79 17.67 -6.82
CA VAL A 353 -9.33 18.21 -8.06
C VAL A 353 -9.68 17.08 -9.03
N SER A 354 -8.79 16.08 -9.14
CA SER A 354 -9.05 14.98 -10.07
C SER A 354 -10.26 14.16 -9.63
N ILE A 355 -10.41 13.92 -8.32
CA ILE A 355 -11.56 13.18 -7.84
C ILE A 355 -12.84 13.97 -8.07
N LEU A 356 -12.78 15.30 -7.92
CA LEU A 356 -13.94 16.13 -8.21
C LEU A 356 -14.30 16.07 -9.69
N CYS A 357 -13.30 16.05 -10.57
CA CYS A 357 -13.56 16.07 -12.00
C CYS A 357 -13.89 14.70 -12.59
N ILE A 358 -13.67 13.62 -11.82
CA ILE A 358 -14.02 12.28 -12.34
C ILE A 358 -15.49 12.15 -12.71
N PRO A 359 -16.46 12.55 -11.87
CA PRO A 359 -17.86 12.30 -12.23
C PRO A 359 -18.34 12.99 -13.49
N PHE A 360 -17.65 14.03 -13.94
CA PHE A 360 -18.10 14.78 -15.13
C PHE A 360 -17.71 14.10 -16.43
N ALA A 361 -16.85 13.09 -16.40
CA ALA A 361 -16.45 12.41 -17.62
C ALA A 361 -17.62 11.64 -18.22
N LYS A 362 -17.74 11.70 -19.54
CA LYS A 362 -18.81 11.02 -20.24
C LYS A 362 -18.43 9.65 -20.77
N ASN A 363 -17.14 9.36 -20.92
CA ASN A 363 -16.67 8.07 -21.39
C ASN A 363 -15.25 7.85 -20.86
N ILE A 364 -14.63 6.77 -21.31
CA ILE A 364 -13.31 6.40 -20.82
C ILE A 364 -12.28 7.48 -21.15
N TYR A 365 -12.39 8.07 -22.34
CA TYR A 365 -11.45 9.11 -22.75
C TYR A 365 -11.52 10.31 -21.82
N GLY A 366 -12.68 10.58 -21.23
CA GLY A 366 -12.77 11.61 -20.23
C GLY A 366 -12.22 11.20 -18.88
N LEU A 367 -12.15 9.90 -18.61
CA LEU A 367 -11.60 9.39 -17.36
C LEU A 367 -10.11 9.08 -17.44
N ILE A 368 -9.51 9.21 -18.64
CA ILE A 368 -8.10 8.90 -18.79
C ILE A 368 -7.24 9.88 -17.99
N ALA A 369 -7.56 11.17 -18.07
CA ALA A 369 -6.74 12.21 -17.45
C ALA A 369 -6.95 12.32 -15.93
N PRO A 370 -8.19 12.35 -15.42
CA PRO A 370 -8.35 12.43 -13.96
C PRO A 370 -7.74 11.27 -13.21
N ASN A 371 -7.79 10.06 -13.76
CA ASN A 371 -7.13 8.92 -13.11
C ASN A 371 -5.62 9.12 -13.08
N PHE A 372 -5.05 9.64 -14.17
CA PHE A 372 -3.63 9.97 -14.18
C PHE A 372 -3.30 10.99 -13.09
N GLY A 373 -4.12 12.02 -12.96
CA GLY A 373 -3.90 12.99 -11.90
C GLY A 373 -3.99 12.38 -10.52
N VAL A 374 -4.97 11.51 -10.30
CA VAL A 374 -5.12 10.86 -8.99
C VAL A 374 -3.89 10.05 -8.65
N GLY A 375 -3.45 9.20 -9.58
CA GLY A 375 -2.29 8.37 -9.31
C GLY A 375 -1.03 9.17 -9.11
N PHE A 376 -0.80 10.16 -9.98
CA PHE A 376 0.37 11.03 -9.84
C PHE A 376 0.38 11.72 -8.47
N ALA A 377 -0.75 12.30 -8.09
CA ALA A 377 -0.82 13.05 -6.84
C ALA A 377 -0.62 12.14 -5.63
N ILE A 378 -1.18 10.93 -5.67
CA ILE A 378 -0.98 10.00 -4.55
C ILE A 378 0.48 9.57 -4.48
N GLY A 379 1.13 9.41 -5.65
CA GLY A 379 2.57 9.14 -5.63
C GLY A 379 3.34 10.26 -4.98
N MET A 380 3.01 11.51 -5.31
CA MET A 380 3.65 12.65 -4.66
C MET A 380 3.43 12.61 -3.16
N VAL A 381 2.19 12.34 -2.74
CA VAL A 381 1.86 12.34 -1.32
C VAL A 381 2.68 11.30 -0.57
N ASP A 382 2.71 10.06 -1.08
CA ASP A 382 3.43 9.00 -0.39
C ASP A 382 4.93 9.26 -0.36
N SER A 383 5.51 9.58 -1.53
CA SER A 383 6.94 9.78 -1.63
C SER A 383 7.42 11.01 -0.86
N SER A 384 6.52 11.94 -0.56
CA SER A 384 6.90 13.06 0.28
C SER A 384 6.62 12.82 1.76
N MET A 385 5.66 11.95 2.09
CA MET A 385 5.22 11.81 3.48
C MET A 385 5.95 10.72 4.25
N MET A 386 6.38 9.63 3.60
CA MET A 386 7.15 8.64 4.36
C MET A 386 8.49 9.21 4.87
N PRO A 387 9.32 9.86 4.04
CA PRO A 387 10.50 10.52 4.60
C PRO A 387 10.18 11.60 5.60
N ILE A 388 8.99 12.22 5.53
CA ILE A 388 8.59 13.15 6.59
C ILE A 388 8.41 12.43 7.91
N MET A 389 7.84 11.22 7.88
CA MET A 389 7.73 10.46 9.11
C MET A 389 9.11 10.17 9.69
N GLY A 390 10.03 9.63 8.89
CA GLY A 390 11.38 9.34 9.38
C GLY A 390 12.04 10.59 9.93
N TYR A 391 11.93 11.71 9.22
CA TYR A 391 12.56 13.00 9.63
C TYR A 391 11.97 13.48 10.95
N LEU A 392 10.64 13.37 11.11
CA LEU A 392 9.97 13.87 12.34
C LEU A 392 10.46 13.08 13.55
N VAL A 393 10.61 11.76 13.41
CA VAL A 393 11.10 10.91 14.53
C VAL A 393 12.54 11.34 14.89
N ASP A 394 13.40 11.60 13.92
CA ASP A 394 14.77 12.10 14.22
C ASP A 394 14.73 13.50 14.84
N LEU A 395 13.89 14.40 14.30
CA LEU A 395 13.87 15.81 14.76
C LEU A 395 13.38 15.94 16.20
N ARG A 396 12.32 15.22 16.58
CA ARG A 396 11.73 15.45 17.93
C ARG A 396 11.91 14.23 18.85
N HIS A 397 12.14 13.03 18.31
CA HIS A 397 12.23 11.86 19.19
C HIS A 397 13.56 11.15 18.95
N VAL A 398 13.70 9.97 19.53
CA VAL A 398 14.89 9.15 19.31
C VAL A 398 14.77 8.47 17.95
N SER A 399 15.92 8.15 17.36
CA SER A 399 15.96 7.66 15.99
C SER A 399 15.73 6.14 15.96
N VAL A 400 14.47 5.78 16.16
CA VAL A 400 13.99 4.41 15.96
C VAL A 400 12.75 4.50 15.09
N TYR A 401 12.74 3.75 13.99
CA TYR A 401 11.76 3.96 12.94
C TYR A 401 10.68 2.88 12.84
N GLY A 402 10.84 1.75 13.54
CA GLY A 402 9.85 0.70 13.44
C GLY A 402 8.47 1.16 13.85
N SER A 403 8.39 1.89 14.97
CA SER A 403 7.09 2.31 15.49
C SER A 403 6.43 3.35 14.58
N VAL A 404 7.19 4.33 14.09
CA VAL A 404 6.59 5.36 13.25
C VAL A 404 6.16 4.78 11.90
N TYR A 405 6.94 3.84 11.36
CA TYR A 405 6.50 3.25 10.10
C TYR A 405 5.38 2.24 10.31
N ALA A 406 5.24 1.69 11.52
CA ALA A 406 4.01 0.98 11.87
C ALA A 406 2.82 1.93 11.87
N ILE A 407 3.02 3.15 12.38
CA ILE A 407 1.96 4.16 12.34
C ILE A 407 1.57 4.46 10.90
N ALA A 408 2.56 4.63 10.03
CA ALA A 408 2.28 4.90 8.61
C ALA A 408 1.56 3.73 7.96
N ASP A 409 1.97 2.50 8.27
CA ASP A 409 1.29 1.33 7.72
C ASP A 409 -0.16 1.26 8.21
N VAL A 410 -0.39 1.58 9.48
CA VAL A 410 -1.76 1.62 9.99
C VAL A 410 -2.57 2.68 9.26
N ALA A 411 -1.94 3.80 8.94
CA ALA A 411 -2.63 4.83 8.15
C ALA A 411 -3.01 4.29 6.77
N PHE A 412 -2.13 3.51 6.15
CA PHE A 412 -2.45 2.91 4.86
C PHE A 412 -3.61 1.92 4.97
N CYS A 413 -3.53 0.97 5.91
CA CYS A 413 -4.58 -0.03 6.02
C CYS A 413 -5.88 0.52 6.57
N MET A 414 -5.87 1.72 7.17
CA MET A 414 -7.13 2.36 7.53
C MET A 414 -7.96 2.63 6.27
N GLY A 415 -7.33 3.20 5.25
CA GLY A 415 -8.01 3.38 3.98
C GLY A 415 -8.27 2.07 3.27
N TYR A 416 -7.30 1.14 3.32
CA TYR A 416 -7.44 -0.11 2.59
C TYR A 416 -8.47 -1.06 3.19
N ALA A 417 -8.86 -0.88 4.45
CA ALA A 417 -9.78 -1.79 5.11
C ALA A 417 -11.24 -1.35 4.97
N ILE A 418 -11.56 -0.14 5.45
CA ILE A 418 -12.92 0.37 5.36
C ILE A 418 -13.19 1.09 4.06
N GLY A 419 -12.24 1.09 3.13
CA GLY A 419 -12.40 1.77 1.87
C GLY A 419 -13.56 1.25 1.04
N PRO A 420 -13.45 0.01 0.56
CA PRO A 420 -14.51 -0.53 -0.30
C PRO A 420 -15.88 -0.57 0.34
N SER A 421 -15.99 -1.05 1.58
CA SER A 421 -17.29 -1.23 2.21
C SER A 421 -17.97 0.11 2.46
N ALA A 422 -17.26 1.04 3.09
CA ALA A 422 -17.85 2.35 3.38
C ALA A 422 -18.14 3.11 2.08
N GLY A 423 -17.24 3.01 1.10
CA GLY A 423 -17.49 3.67 -0.18
C GLY A 423 -18.74 3.14 -0.85
N GLY A 424 -18.93 1.83 -0.86
CA GLY A 424 -20.14 1.26 -1.43
C GLY A 424 -21.38 1.67 -0.65
N ALA A 425 -21.30 1.68 0.68
CA ALA A 425 -22.46 2.08 1.47
C ALA A 425 -22.84 3.53 1.19
N ILE A 426 -21.85 4.41 1.08
CA ILE A 426 -22.14 5.82 0.78
C ILE A 426 -22.70 5.96 -0.63
N ALA A 427 -22.08 5.29 -1.60
CA ALA A 427 -22.57 5.35 -2.97
C ALA A 427 -23.96 4.76 -3.11
N LYS A 428 -24.39 3.91 -2.18
CA LYS A 428 -25.78 3.48 -2.16
C LYS A 428 -26.68 4.52 -1.50
N ALA A 429 -26.23 5.11 -0.39
CA ALA A 429 -27.04 6.10 0.31
C ALA A 429 -27.21 7.36 -0.54
N ILE A 430 -26.11 7.90 -1.03
CA ILE A 430 -26.11 9.06 -1.92
C ILE A 430 -25.44 8.65 -3.22
N GLY A 431 -25.61 9.48 -4.24
CA GLY A 431 -25.08 9.13 -5.55
C GLY A 431 -23.56 9.04 -5.53
N PHE A 432 -23.03 8.27 -6.47
CA PHE A 432 -21.58 8.20 -6.66
C PHE A 432 -20.93 9.55 -6.90
N PRO A 433 -21.48 10.45 -7.74
CA PRO A 433 -20.87 11.79 -7.85
C PRO A 433 -20.81 12.53 -6.53
N TRP A 434 -21.81 12.34 -5.66
CA TRP A 434 -21.77 13.01 -4.36
C TRP A 434 -20.64 12.45 -3.49
N LEU A 435 -20.43 11.13 -3.54
CA LEU A 435 -19.30 10.54 -2.82
C LEU A 435 -17.98 11.10 -3.33
N MET A 436 -17.82 11.20 -4.64
CA MET A 436 -16.58 11.74 -5.19
C MET A 436 -16.41 13.21 -4.82
N THR A 437 -17.50 13.98 -4.84
CA THR A 437 -17.41 15.39 -4.43
C THR A 437 -17.00 15.50 -2.97
N ILE A 438 -17.55 14.66 -2.09
CA ILE A 438 -17.21 14.71 -0.68
C ILE A 438 -15.74 14.38 -0.47
N ILE A 439 -15.26 13.32 -1.14
CA ILE A 439 -13.86 12.96 -1.01
C ILE A 439 -12.95 14.09 -1.51
N GLY A 440 -13.31 14.69 -2.64
CA GLY A 440 -12.49 15.77 -3.17
C GLY A 440 -12.45 16.98 -2.26
N ILE A 441 -13.59 17.40 -1.73
CA ILE A 441 -13.61 18.57 -0.86
C ILE A 441 -12.87 18.28 0.43
N ILE A 442 -12.97 17.04 0.94
CA ILE A 442 -12.23 16.67 2.15
C ILE A 442 -10.73 16.76 1.90
N ASP A 443 -10.27 16.23 0.76
CA ASP A 443 -8.85 16.30 0.45
C ASP A 443 -8.38 17.74 0.30
N ILE A 444 -9.16 18.57 -0.38
CA ILE A 444 -8.76 19.96 -0.58
C ILE A 444 -8.74 20.70 0.75
N LEU A 445 -9.71 20.43 1.63
CA LEU A 445 -9.74 21.07 2.94
C LEU A 445 -8.57 20.63 3.81
N PHE A 446 -8.17 19.36 3.69
CA PHE A 446 -7.05 18.86 4.49
C PHE A 446 -5.71 19.35 3.93
N ALA A 447 -5.65 19.69 2.64
CA ALA A 447 -4.40 20.12 2.02
C ALA A 447 -3.68 21.23 2.76
N PRO A 448 -4.34 22.31 3.25
CA PRO A 448 -3.60 23.35 3.98
C PRO A 448 -2.90 22.85 5.23
N LEU A 449 -3.41 21.77 5.83
CA LEU A 449 -2.80 21.24 7.04
C LEU A 449 -1.39 20.72 6.81
N CYS A 450 -1.00 20.46 5.57
CA CYS A 450 0.37 20.08 5.27
C CYS A 450 1.35 21.24 5.38
N PHE A 451 0.85 22.47 5.55
CA PHE A 451 1.74 23.61 5.72
C PHE A 451 2.53 23.52 7.02
N PHE A 452 1.93 22.98 8.07
CA PHE A 452 2.59 22.92 9.37
C PHE A 452 3.76 21.94 9.41
N LEU A 453 3.89 21.08 8.39
CA LEU A 453 4.99 20.14 8.34
C LEU A 453 6.30 20.76 7.87
N ARG A 454 6.29 22.01 7.43
CA ARG A 454 7.50 22.64 6.94
C ARG A 454 8.48 22.88 8.07
N SER A 455 9.77 22.82 7.74
CA SER A 455 10.80 23.06 8.73
C SER A 455 10.78 24.53 9.16
N PRO A 456 11.13 24.83 10.40
CA PRO A 456 11.17 26.22 10.86
C PRO A 456 12.04 27.10 9.99
N PRO A 457 13.20 26.62 9.50
CA PRO A 457 13.91 27.57 8.64
C PRO A 457 13.30 27.69 7.25
N HSM B . 0.88 0.97 0.99
CA HSM B . 0.24 1.17 -0.28
CB HSM B . 0.57 2.56 -0.84
CG HSM B . -0.31 2.95 -2.02
ND1 HSM B . -1.41 3.64 -1.96
CD2 HSM B . -0.09 2.63 -3.32
CE1 HSM B . -1.91 3.78 -3.19
NE2 HSM B . -1.08 3.14 -4.04
#